data_1TZF
#
_entry.id   1TZF
#
_cell.length_a   88.500
_cell.length_b   88.500
_cell.length_c   162.300
_cell.angle_alpha   90.00
_cell.angle_beta   90.00
_cell.angle_gamma   120.00
#
_symmetry.space_group_name_H-M   'P 63 2 2'
#
loop_
_entity.id
_entity.type
_entity.pdbx_description
1 polymer 'Glucose-1-phosphate cytidylyltransferase'
2 non-polymer 'MAGNESIUM ION'
3 non-polymer "[CYTIDINE-5'-PHOSPHATE]-BETA-GLUCOSYL-PHOSPHORIC ACID ESTER"
4 water water
#
_entity_poly.entity_id   1
_entity_poly.type   'polypeptide(L)'
_entity_poly.pdbx_seq_one_letter_code
;MASKAVILAGGLGTRLSEETIVKPKPMVEIGGKPILWHIMKMYSVHGIKDFIICCGYKGYVIKEYFANYFLHMSDVTFHM
AENRMEVHHKRVEPWNVTLVDTGDSSMTGGRLKRVAEYVKDDEAFLFTYGDGVADLDIKATIDFHKAHGKKATLTATFPP
GRFGALDIQAGQVRSFQEKPKGDGAMINGGFFVLNPSVIDLIDNDATTWEQEPLMTLAQQGELMAFEHPGFWQPMDTLRD
KVYLEGLWEKGKAPWKTWE
;
_entity_poly.pdbx_strand_id   A
#
# COMPACT_ATOMS: atom_id res chain seq x y z
N MET A 1 16.20 9.47 7.92
CA MET A 1 15.06 10.28 7.54
C MET A 1 13.69 9.65 7.89
N ALA A 2 12.92 9.35 6.84
CA ALA A 2 11.61 8.74 6.93
C ALA A 2 11.77 7.31 7.37
N SER A 3 11.02 6.87 8.36
CA SER A 3 11.20 5.51 8.80
C SER A 3 9.90 4.81 9.17
N LYS A 4 8.78 5.47 8.85
CA LYS A 4 7.53 4.85 9.17
C LYS A 4 6.62 4.85 7.98
N ALA A 5 5.90 3.74 7.81
CA ALA A 5 4.95 3.62 6.71
C ALA A 5 3.51 3.55 7.24
N VAL A 6 2.70 4.46 6.74
CA VAL A 6 1.32 4.59 7.10
C VAL A 6 0.49 3.93 6.03
N ILE A 7 -0.31 2.98 6.46
CA ILE A 7 -1.10 2.28 5.46
C ILE A 7 -2.59 2.35 5.71
N LEU A 8 -3.33 2.63 4.63
CA LEU A 8 -4.77 2.74 4.61
C LEU A 8 -5.40 1.38 4.49
N ALA A 9 -6.29 1.11 5.45
CA ALA A 9 -6.97 -0.18 5.47
C ALA A 9 -8.43 -0.09 5.91
N GLY A 10 -9.01 1.09 5.76
CA GLY A 10 -10.40 1.32 6.11
C GLY A 10 -11.24 1.25 4.84
N GLY A 11 -12.42 1.88 4.90
CA GLY A 11 -13.33 1.91 3.79
C GLY A 11 -14.38 0.78 3.84
N LEU A 12 -14.81 0.41 2.65
CA LEU A 12 -15.80 -0.60 2.31
C LEU A 12 -15.63 -2.04 2.79
N GLY A 13 -16.82 -2.61 2.93
CA GLY A 13 -17.14 -3.95 3.35
C GLY A 13 -18.67 -4.01 3.56
N VAL A 22 -17.44 -10.36 5.51
CA VAL A 22 -16.48 -9.38 5.03
C VAL A 22 -15.34 -9.09 5.98
N LYS A 23 -14.28 -8.66 5.32
CA LYS A 23 -13.04 -8.29 5.89
C LYS A 23 -12.50 -7.09 5.16
N PRO A 24 -11.54 -6.45 5.80
CA PRO A 24 -10.94 -5.30 5.18
C PRO A 24 -10.21 -5.71 3.89
N LYS A 25 -10.26 -4.79 2.92
CA LYS A 25 -9.64 -5.00 1.64
C LYS A 25 -8.21 -5.51 1.73
N PRO A 26 -7.41 -4.92 2.62
CA PRO A 26 -6.02 -5.32 2.73
C PRO A 26 -5.77 -6.73 3.28
N MET A 27 -6.85 -7.25 3.84
CA MET A 27 -6.85 -8.58 4.40
C MET A 27 -7.02 -9.64 3.32
N VAL A 28 -7.49 -9.26 2.14
CA VAL A 28 -7.65 -10.23 1.05
C VAL A 28 -6.28 -10.87 0.79
N GLU A 29 -6.25 -12.18 0.58
CA GLU A 29 -4.95 -12.80 0.40
C GLU A 29 -4.49 -13.13 -0.98
N ILE A 30 -3.18 -13.38 -0.95
CA ILE A 30 -2.39 -13.78 -2.06
C ILE A 30 -1.35 -14.70 -1.48
N GLY A 31 -1.40 -15.93 -1.96
CA GLY A 31 -0.50 -16.98 -1.52
C GLY A 31 -0.71 -17.30 -0.07
N GLY A 32 -1.95 -17.12 0.35
CA GLY A 32 -2.35 -17.39 1.71
C GLY A 32 -2.02 -16.27 2.67
N LYS A 33 -1.54 -15.14 2.15
CA LYS A 33 -1.22 -14.04 3.04
C LYS A 33 -1.92 -12.77 2.59
N PRO A 34 -2.37 -11.97 3.55
CA PRO A 34 -3.04 -10.73 3.27
C PRO A 34 -2.11 -9.87 2.45
N ILE A 35 -2.73 -9.15 1.51
CA ILE A 35 -1.97 -8.28 0.64
C ILE A 35 -1.21 -7.26 1.45
N LEU A 36 -1.86 -6.87 2.54
CA LEU A 36 -1.28 -5.92 3.46
C LEU A 36 0.12 -6.38 3.86
N TRP A 37 0.25 -7.68 4.17
CA TRP A 37 1.54 -8.25 4.56
C TRP A 37 2.54 -8.15 3.41
N HIS A 38 2.07 -8.34 2.18
CA HIS A 38 2.94 -8.22 1.02
C HIS A 38 3.53 -6.82 0.89
N ILE A 39 2.71 -5.85 1.17
CA ILE A 39 3.15 -4.48 1.08
C ILE A 39 4.15 -4.19 2.18
N MET A 40 3.88 -4.72 3.38
CA MET A 40 4.79 -4.56 4.52
C MET A 40 6.16 -5.16 4.20
N LYS A 41 6.12 -6.28 3.50
CA LYS A 41 7.34 -6.95 3.08
C LYS A 41 8.10 -6.08 2.11
N MET A 42 7.36 -5.39 1.24
CA MET A 42 7.99 -4.48 0.28
C MET A 42 8.77 -3.37 0.99
N TYR A 43 8.14 -2.80 1.98
CA TYR A 43 8.79 -1.74 2.71
C TYR A 43 9.92 -2.32 3.49
N SER A 44 9.65 -3.43 4.12
CA SER A 44 10.64 -4.01 4.96
C SER A 44 11.96 -4.33 4.30
N VAL A 45 11.91 -4.78 3.05
CA VAL A 45 13.12 -5.07 2.28
C VAL A 45 13.84 -3.77 1.90
N HIS A 46 13.13 -2.65 1.97
CA HIS A 46 13.71 -1.36 1.67
C HIS A 46 14.09 -0.66 2.95
N GLY A 47 14.19 -1.46 4.03
CA GLY A 47 14.59 -0.99 5.36
C GLY A 47 13.51 -0.35 6.23
N ILE A 48 12.28 -0.25 5.75
CA ILE A 48 11.22 0.34 6.55
C ILE A 48 10.52 -0.71 7.35
N LYS A 49 10.65 -0.58 8.68
CA LYS A 49 10.09 -1.53 9.61
C LYS A 49 9.13 -1.00 10.68
N ASP A 50 8.73 0.25 10.55
CA ASP A 50 7.81 0.83 11.50
C ASP A 50 6.56 1.09 10.70
N PHE A 51 5.47 0.49 11.15
CA PHE A 51 4.19 0.60 10.48
C PHE A 51 3.05 1.14 11.32
N ILE A 52 2.19 1.89 10.65
CA ILE A 52 0.99 2.44 11.25
C ILE A 52 -0.20 2.06 10.37
N ILE A 53 -1.10 1.29 10.92
CA ILE A 53 -2.22 0.87 10.14
C ILE A 53 -3.50 1.60 10.46
N CYS A 54 -4.03 2.26 9.43
CA CYS A 54 -5.25 3.01 9.63
C CYS A 54 -6.41 2.09 9.44
N CYS A 55 -6.97 1.62 10.57
CA CYS A 55 -8.10 0.71 10.57
C CYS A 55 -9.47 1.34 10.56
N GLY A 56 -10.41 0.62 9.99
CA GLY A 56 -11.77 1.11 9.98
C GLY A 56 -12.71 -0.03 10.31
N TYR A 57 -13.76 -0.12 9.51
CA TYR A 57 -14.77 -1.15 9.65
C TYR A 57 -14.15 -2.54 9.52
N LYS A 58 -14.40 -3.44 10.48
CA LYS A 58 -13.81 -4.78 10.45
C LYS A 58 -12.33 -4.74 10.87
N GLY A 59 -11.89 -3.59 11.38
CA GLY A 59 -10.51 -3.46 11.79
C GLY A 59 -9.96 -4.56 12.71
N TYR A 60 -10.79 -5.03 13.61
CA TYR A 60 -10.40 -6.05 14.56
C TYR A 60 -9.82 -7.26 13.87
N VAL A 61 -10.28 -7.43 12.65
CA VAL A 61 -9.76 -8.56 11.89
C VAL A 61 -8.23 -8.41 11.73
N ILE A 62 -7.86 -7.20 11.45
CA ILE A 62 -6.47 -6.84 11.30
C ILE A 62 -5.77 -6.98 12.64
N LYS A 63 -6.44 -6.52 13.70
CA LYS A 63 -5.85 -6.64 15.02
C LYS A 63 -5.57 -8.10 15.38
N GLU A 64 -6.57 -8.96 15.15
CA GLU A 64 -6.45 -10.38 15.50
C GLU A 64 -5.32 -11.07 14.76
N TYR A 65 -5.16 -10.63 13.54
CA TYR A 65 -4.13 -11.17 12.73
C TYR A 65 -2.75 -10.93 13.34
N PHE A 66 -2.45 -9.66 13.61
CA PHE A 66 -1.16 -9.33 14.18
C PHE A 66 -1.04 -9.89 15.55
N ALA A 67 -2.13 -9.86 16.31
CA ALA A 67 -2.07 -10.44 17.63
C ALA A 67 -1.75 -11.95 17.54
N ASN A 68 -2.10 -12.62 16.44
CA ASN A 68 -1.80 -14.04 16.33
C ASN A 68 -1.04 -14.32 15.10
N TYR A 69 -0.09 -13.43 14.87
CA TYR A 69 0.77 -13.43 13.71
C TYR A 69 1.36 -14.77 13.31
N PHE A 70 2.14 -15.40 14.20
CA PHE A 70 2.76 -16.68 13.86
C PHE A 70 1.78 -17.80 13.72
N LEU A 71 0.73 -17.75 14.49
CA LEU A 71 -0.29 -18.77 14.44
C LEU A 71 -0.89 -18.71 13.01
N HIS A 72 -1.11 -17.52 12.53
CA HIS A 72 -1.64 -17.37 11.20
C HIS A 72 -0.66 -17.85 10.14
N MET A 73 0.59 -17.39 10.26
CA MET A 73 1.66 -17.65 9.33
C MET A 73 2.31 -18.97 9.26
N SER A 74 2.36 -19.74 10.33
CA SER A 74 3.05 -21.01 10.23
C SER A 74 2.43 -22.21 10.91
N ASP A 75 3.11 -23.36 10.73
CA ASP A 75 2.70 -24.61 11.37
C ASP A 75 3.15 -24.53 12.82
N VAL A 76 2.34 -25.06 13.73
CA VAL A 76 2.72 -24.94 15.12
C VAL A 76 2.52 -26.19 15.93
N THR A 77 3.15 -26.21 17.07
CA THR A 77 2.98 -27.33 17.94
C THR A 77 2.67 -26.77 19.27
N PHE A 78 1.58 -27.25 19.81
CA PHE A 78 1.14 -26.84 21.12
C PHE A 78 1.61 -27.92 22.08
N HIS A 79 2.56 -27.55 22.94
CA HIS A 79 3.11 -28.40 23.98
C HIS A 79 2.24 -28.07 25.15
N MET A 80 1.11 -28.73 25.16
CA MET A 80 0.12 -28.47 26.15
C MET A 80 0.59 -28.51 27.57
N ALA A 81 1.30 -29.58 27.90
CA ALA A 81 1.78 -29.78 29.24
C ALA A 81 2.52 -28.57 29.75
N GLU A 82 3.36 -27.99 28.89
CA GLU A 82 4.15 -26.83 29.24
C GLU A 82 3.52 -25.49 28.90
N ASN A 83 2.28 -25.53 28.41
CA ASN A 83 1.62 -24.29 28.03
C ASN A 83 2.43 -23.46 27.03
N ARG A 84 3.05 -24.18 26.14
CA ARG A 84 3.89 -23.56 25.15
C ARG A 84 3.50 -23.88 23.72
N MET A 85 3.61 -22.88 22.87
CA MET A 85 3.32 -23.03 21.47
C MET A 85 4.62 -22.90 20.69
N GLU A 86 4.97 -23.95 19.98
CA GLU A 86 6.20 -23.96 19.21
C GLU A 86 5.85 -23.63 17.76
N VAL A 87 6.65 -22.70 17.17
CA VAL A 87 6.47 -22.27 15.80
C VAL A 87 7.50 -22.97 14.91
N HIS A 88 7.04 -23.64 13.85
CA HIS A 88 7.92 -24.35 12.92
C HIS A 88 8.36 -23.41 11.84
N HIS A 89 9.61 -23.51 11.47
CA HIS A 89 10.10 -22.63 10.42
C HIS A 89 9.75 -21.17 10.68
N LYS A 90 9.90 -20.74 11.93
CA LYS A 90 9.63 -19.38 12.32
C LYS A 90 10.50 -18.38 11.55
N ARG A 91 9.84 -17.34 11.04
CA ARG A 91 10.47 -16.28 10.29
C ARG A 91 10.09 -14.98 10.92
N VAL A 92 10.95 -14.57 11.80
CA VAL A 92 10.79 -13.34 12.54
C VAL A 92 10.84 -12.13 11.66
N GLU A 93 9.99 -11.17 12.05
CA GLU A 93 9.83 -9.88 11.40
C GLU A 93 9.94 -8.82 12.51
N PRO A 94 11.06 -8.13 12.45
CA PRO A 94 11.49 -7.11 13.39
C PRO A 94 10.72 -5.81 13.26
N TRP A 95 9.41 -5.96 13.16
CA TRP A 95 8.56 -4.82 12.98
C TRP A 95 7.85 -4.35 14.24
N ASN A 96 7.43 -3.08 14.14
CA ASN A 96 6.65 -2.39 15.10
C ASN A 96 5.39 -2.10 14.31
N VAL A 97 4.29 -2.67 14.71
CA VAL A 97 3.07 -2.43 13.95
C VAL A 97 1.98 -1.81 14.79
N THR A 98 1.70 -0.54 14.51
CA THR A 98 0.67 0.18 15.23
C THR A 98 -0.64 0.08 14.46
N LEU A 99 -1.67 -0.31 15.19
CA LEU A 99 -3.03 -0.43 14.68
C LEU A 99 -3.90 0.63 15.32
N VAL A 100 -4.32 1.55 14.47
CA VAL A 100 -5.12 2.63 14.98
C VAL A 100 -6.51 2.59 14.38
N ASP A 101 -7.47 2.69 15.27
CA ASP A 101 -8.82 2.71 14.81
C ASP A 101 -9.03 4.12 14.27
N THR A 102 -9.20 4.26 12.95
CA THR A 102 -9.38 5.60 12.38
C THR A 102 -10.79 6.00 11.99
N GLY A 103 -11.78 5.20 12.37
CA GLY A 103 -13.16 5.55 12.04
C GLY A 103 -13.75 4.67 10.97
N ASP A 104 -14.98 4.22 11.20
CA ASP A 104 -15.65 3.36 10.23
C ASP A 104 -15.99 4.14 8.95
N SER A 105 -16.24 5.44 9.14
CA SER A 105 -16.63 6.36 8.09
C SER A 105 -15.56 7.29 7.49
N SER A 106 -14.43 7.45 8.16
CA SER A 106 -13.46 8.36 7.60
C SER A 106 -13.02 8.05 6.16
N MET A 107 -12.59 9.13 5.56
CA MET A 107 -12.07 9.22 4.23
C MET A 107 -10.60 9.09 4.38
N THR A 108 -9.94 8.91 3.25
CA THR A 108 -8.50 8.74 3.27
C THR A 108 -7.71 9.82 3.91
N GLY A 109 -8.08 11.08 3.66
CA GLY A 109 -7.36 12.16 4.29
C GLY A 109 -7.65 12.14 5.79
N GLY A 110 -8.92 11.88 6.11
CA GLY A 110 -9.34 11.82 7.48
C GLY A 110 -8.48 10.84 8.31
N ARG A 111 -8.26 9.64 7.76
CA ARG A 111 -7.48 8.60 8.42
C ARG A 111 -6.06 9.00 8.73
N LEU A 112 -5.47 9.68 7.75
CA LEU A 112 -4.11 10.16 7.87
C LEU A 112 -4.02 11.15 9.02
N LYS A 113 -4.96 12.09 9.02
CA LYS A 113 -5.03 13.10 10.05
C LYS A 113 -5.06 12.39 11.40
N ARG A 114 -5.96 11.41 11.51
CA ARG A 114 -6.11 10.61 12.71
C ARG A 114 -4.79 10.12 13.29
N VAL A 115 -3.85 9.75 12.41
CA VAL A 115 -2.60 9.20 12.88
C VAL A 115 -1.42 10.16 12.95
N ALA A 116 -1.72 11.45 12.75
CA ALA A 116 -0.73 12.52 12.77
C ALA A 116 0.37 12.35 13.84
N GLU A 117 -0.13 12.07 15.04
CA GLU A 117 0.56 11.83 16.31
C GLU A 117 1.79 10.99 16.10
N TYR A 118 1.58 9.93 15.36
CA TYR A 118 2.60 8.95 15.07
C TYR A 118 3.70 9.35 14.09
N VAL A 119 3.55 10.45 13.32
CA VAL A 119 4.59 10.84 12.35
C VAL A 119 4.92 12.32 12.37
N LYS A 120 4.16 13.01 13.21
CA LYS A 120 4.23 14.44 13.39
C LYS A 120 5.64 14.99 13.60
N ASP A 121 6.54 14.20 14.18
CA ASP A 121 7.89 14.69 14.42
C ASP A 121 9.00 14.06 13.61
N ASP A 122 8.63 13.53 12.44
CA ASP A 122 9.54 12.89 11.50
C ASP A 122 9.85 13.87 10.35
N GLU A 123 11.03 13.70 9.70
CA GLU A 123 11.39 14.58 8.59
C GLU A 123 10.37 14.34 7.49
N ALA A 124 10.14 13.06 7.24
CA ALA A 124 9.19 12.62 6.26
C ALA A 124 8.76 11.24 6.63
N PHE A 125 7.66 10.84 6.04
CA PHE A 125 7.11 9.53 6.25
C PHE A 125 6.46 9.02 4.96
N LEU A 126 6.27 7.72 4.92
CA LEU A 126 5.69 7.04 3.80
C LEU A 126 4.23 6.78 4.04
N PHE A 127 3.47 6.81 2.96
CA PHE A 127 2.03 6.61 3.02
C PHE A 127 1.54 5.89 1.79
N THR A 128 0.70 4.89 1.98
CA THR A 128 0.22 4.18 0.81
C THR A 128 -1.09 3.47 1.04
N TYR A 129 -1.68 3.06 -0.08
CA TYR A 129 -2.91 2.29 -0.17
C TYR A 129 -2.60 0.85 0.24
N GLY A 130 -3.54 0.18 0.94
CA GLY A 130 -3.31 -1.22 1.37
C GLY A 130 -3.67 -2.27 0.31
N ASP A 131 -3.82 -1.83 -0.94
CA ASP A 131 -4.18 -2.77 -1.98
C ASP A 131 -3.29 -2.78 -3.22
N GLY A 132 -2.07 -2.22 -3.17
CA GLY A 132 -1.24 -2.24 -4.37
C GLY A 132 0.18 -2.72 -4.13
N VAL A 133 0.63 -3.58 -5.00
CA VAL A 133 2.00 -4.09 -4.84
C VAL A 133 2.87 -3.73 -6.04
N ALA A 134 4.19 -3.69 -5.91
CA ALA A 134 5.04 -3.36 -7.04
C ALA A 134 6.45 -3.68 -6.73
N ASP A 135 7.32 -3.60 -7.71
CA ASP A 135 8.74 -3.83 -7.48
C ASP A 135 9.42 -2.46 -7.34
N LEU A 136 8.83 -1.56 -6.57
CA LEU A 136 9.32 -0.21 -6.39
C LEU A 136 10.51 -0.07 -5.42
N ASP A 137 11.48 0.76 -5.83
CA ASP A 137 12.63 1.02 -5.00
C ASP A 137 12.28 2.08 -3.98
N ILE A 138 11.74 1.60 -2.87
CA ILE A 138 11.33 2.48 -1.79
C ILE A 138 12.40 3.49 -1.36
N LYS A 139 13.61 3.01 -1.15
CA LYS A 139 14.71 3.87 -0.78
C LYS A 139 14.86 5.01 -1.80
N ALA A 140 14.83 4.61 -3.07
CA ALA A 140 14.93 5.53 -4.19
C ALA A 140 13.95 6.70 -4.07
N THR A 141 12.71 6.36 -3.77
CA THR A 141 11.69 7.37 -3.66
C THR A 141 11.95 8.31 -2.51
N ILE A 142 12.54 7.77 -1.43
CA ILE A 142 12.83 8.59 -0.27
C ILE A 142 13.90 9.62 -0.59
N ASP A 143 14.97 9.10 -1.17
CA ASP A 143 16.08 9.93 -1.55
C ASP A 143 15.57 10.97 -2.53
N PHE A 144 14.80 10.50 -3.48
CA PHE A 144 14.21 11.43 -4.44
C PHE A 144 13.43 12.54 -3.74
N HIS A 145 12.58 12.18 -2.76
CA HIS A 145 11.80 13.19 -2.08
C HIS A 145 12.71 14.20 -1.34
N LYS A 146 13.73 13.67 -0.65
CA LYS A 146 14.67 14.52 0.06
C LYS A 146 15.33 15.54 -0.86
N ALA A 147 15.72 15.05 -2.05
CA ALA A 147 16.39 15.81 -3.10
C ALA A 147 15.62 16.96 -3.70
N HIS A 148 14.35 16.75 -3.97
CA HIS A 148 13.53 17.76 -4.61
C HIS A 148 13.02 18.83 -3.68
N GLY A 149 13.11 18.52 -2.39
CA GLY A 149 12.67 19.40 -1.35
C GLY A 149 11.19 19.81 -1.35
N LYS A 150 10.35 19.15 -2.12
CA LYS A 150 8.95 19.54 -2.07
C LYS A 150 8.24 18.95 -0.87
N LYS A 151 7.02 19.39 -0.62
CA LYS A 151 6.27 18.86 0.52
C LYS A 151 5.85 17.44 0.26
N ALA A 152 5.65 17.12 -1.02
CA ALA A 152 5.19 15.79 -1.29
C ALA A 152 5.66 15.21 -2.57
N THR A 153 5.74 13.89 -2.51
CA THR A 153 6.11 13.00 -3.61
C THR A 153 5.12 11.82 -3.72
N LEU A 154 4.68 11.51 -4.97
CA LEU A 154 3.84 10.34 -5.22
C LEU A 154 4.51 9.41 -6.22
N THR A 155 4.11 8.14 -6.24
CA THR A 155 4.66 7.22 -7.24
C THR A 155 3.67 7.11 -8.39
N ALA A 156 4.16 7.52 -9.57
CA ALA A 156 3.36 7.46 -10.78
C ALA A 156 3.55 6.10 -11.45
N THR A 157 2.45 5.51 -11.89
CA THR A 157 2.53 4.19 -12.48
C THR A 157 1.59 4.00 -13.64
N PHE A 158 1.79 2.91 -14.36
CA PHE A 158 0.94 2.52 -15.46
C PHE A 158 -0.10 1.57 -14.89
N PRO A 159 -1.33 1.90 -15.15
CA PRO A 159 -2.46 1.14 -14.63
C PRO A 159 -2.88 -0.05 -15.47
N PRO A 160 -3.61 -0.95 -14.81
CA PRO A 160 -4.14 -2.11 -15.47
C PRO A 160 -5.25 -1.65 -16.42
N GLY A 161 -5.47 -2.41 -17.46
CA GLY A 161 -6.52 -2.03 -18.37
C GLY A 161 -7.84 -2.58 -17.87
N ARG A 162 -8.90 -1.77 -18.00
CA ARG A 162 -10.25 -2.18 -17.58
C ARG A 162 -11.17 -2.32 -18.79
N PHE A 163 -10.71 -1.86 -19.96
CA PHE A 163 -11.52 -1.94 -21.15
C PHE A 163 -10.74 -2.50 -22.32
N GLY A 164 -11.46 -2.65 -23.45
CA GLY A 164 -10.88 -3.12 -24.70
C GLY A 164 -10.11 -1.93 -25.33
N ALA A 165 -8.79 -2.03 -25.40
CA ALA A 165 -7.95 -0.96 -25.98
C ALA A 165 -8.01 -0.90 -27.50
N LEU A 166 -8.03 0.34 -28.04
CA LEU A 166 -8.11 0.53 -29.50
C LEU A 166 -7.02 1.33 -30.18
N ASP A 167 -6.61 0.88 -31.39
CA ASP A 167 -5.62 1.61 -32.23
C ASP A 167 -6.38 2.07 -33.45
N ILE A 168 -6.87 3.30 -33.38
CA ILE A 168 -7.67 3.82 -34.47
C ILE A 168 -6.99 4.83 -35.37
N GLN A 169 -7.31 4.63 -36.62
CA GLN A 169 -6.79 5.50 -37.62
C GLN A 169 -7.73 5.62 -38.76
N ALA A 170 -8.06 6.87 -39.05
CA ALA A 170 -8.96 7.08 -40.14
C ALA A 170 -10.27 6.29 -39.97
N GLY A 171 -10.74 6.20 -38.70
CA GLY A 171 -11.99 5.49 -38.38
C GLY A 171 -11.83 3.98 -38.42
N GLN A 172 -10.63 3.55 -38.71
CA GLN A 172 -10.43 2.16 -38.77
C GLN A 172 -9.65 1.72 -37.57
N VAL A 173 -10.14 0.63 -36.95
CA VAL A 173 -9.46 0.05 -35.79
C VAL A 173 -8.35 -0.81 -36.32
N ARG A 174 -7.15 -0.31 -36.21
CA ARG A 174 -6.01 -1.04 -36.69
C ARG A 174 -5.67 -2.25 -35.84
N SER A 175 -5.90 -2.13 -34.54
CA SER A 175 -5.62 -3.18 -33.60
C SER A 175 -6.54 -3.07 -32.39
N PHE A 176 -6.81 -4.24 -31.81
CA PHE A 176 -7.68 -4.39 -30.64
C PHE A 176 -7.00 -5.23 -29.60
N GLN A 177 -6.99 -4.76 -28.35
CA GLN A 177 -6.39 -5.47 -27.21
C GLN A 177 -7.31 -5.36 -25.99
N GLU A 178 -7.70 -6.50 -25.50
CA GLU A 178 -8.56 -6.55 -24.34
C GLU A 178 -7.76 -6.31 -23.07
N LYS A 179 -8.13 -5.24 -22.34
CA LYS A 179 -7.51 -4.86 -21.07
C LYS A 179 -5.99 -5.07 -20.95
N PRO A 180 -5.29 -4.34 -21.78
CA PRO A 180 -3.84 -4.32 -21.85
C PRO A 180 -3.22 -3.59 -20.65
N LYS A 181 -1.98 -3.94 -20.37
CA LYS A 181 -1.22 -3.38 -19.27
C LYS A 181 -0.84 -1.89 -19.16
N GLY A 182 -1.72 -0.97 -19.66
CA GLY A 182 -1.61 0.51 -19.63
C GLY A 182 -0.36 1.10 -20.29
N ASP A 183 -0.57 1.98 -21.28
CA ASP A 183 0.61 2.53 -21.97
C ASP A 183 0.60 4.02 -22.35
N GLY A 184 -0.29 4.79 -21.73
CA GLY A 184 -0.31 6.20 -22.01
C GLY A 184 0.14 7.06 -20.83
N ALA A 185 -0.84 7.58 -20.12
CA ALA A 185 -0.51 8.41 -19.00
C ALA A 185 -0.42 7.61 -17.70
N MET A 186 0.58 7.95 -16.91
CA MET A 186 0.82 7.36 -15.62
C MET A 186 -0.22 7.88 -14.65
N ILE A 187 -0.51 7.11 -13.65
CA ILE A 187 -1.50 7.55 -12.70
C ILE A 187 -0.94 7.49 -11.32
N ASN A 188 -1.79 7.83 -10.33
CA ASN A 188 -1.44 7.82 -8.93
C ASN A 188 -1.27 6.39 -8.44
N GLY A 189 -0.02 5.98 -8.28
CA GLY A 189 0.18 4.64 -7.82
C GLY A 189 0.30 4.62 -6.30
N GLY A 190 0.17 5.77 -5.66
CA GLY A 190 0.29 5.81 -4.22
C GLY A 190 1.74 5.89 -3.81
N PHE A 191 2.14 5.01 -2.94
CA PHE A 191 3.51 5.02 -2.48
C PHE A 191 4.07 6.44 -2.27
N PHE A 192 3.38 7.19 -1.44
CA PHE A 192 3.84 8.54 -1.16
C PHE A 192 4.96 8.66 -0.14
N VAL A 193 5.65 9.78 -0.27
CA VAL A 193 6.70 10.21 0.63
C VAL A 193 6.24 11.61 1.00
N LEU A 194 6.02 11.85 2.29
CA LEU A 194 5.50 13.14 2.66
C LEU A 194 6.10 13.74 3.89
N ASN A 195 5.98 15.04 3.87
CA ASN A 195 6.39 15.84 4.99
C ASN A 195 5.11 15.97 5.80
N PRO A 196 5.24 16.03 7.11
CA PRO A 196 4.09 16.15 8.02
C PRO A 196 3.15 17.38 7.89
N SER A 197 3.61 18.42 7.20
CA SER A 197 2.82 19.63 6.98
C SER A 197 1.62 19.38 6.08
N VAL A 198 1.70 18.31 5.33
CA VAL A 198 0.61 18.02 4.44
C VAL A 198 -0.63 17.81 5.29
N ILE A 199 -0.42 17.33 6.50
CA ILE A 199 -1.58 17.09 7.35
C ILE A 199 -2.40 18.32 7.61
N ASP A 200 -1.73 19.45 7.57
CA ASP A 200 -2.39 20.70 7.81
C ASP A 200 -3.43 20.98 6.73
N LEU A 201 -3.28 20.33 5.59
CA LEU A 201 -4.24 20.52 4.54
C LEU A 201 -5.49 19.67 4.77
N ILE A 202 -5.48 18.82 5.79
CA ILE A 202 -6.62 17.93 6.04
C ILE A 202 -7.52 18.50 7.10
N ASP A 203 -8.75 18.74 6.72
CA ASP A 203 -9.70 19.35 7.63
C ASP A 203 -10.35 18.46 8.66
N ASN A 204 -10.78 17.29 8.21
CA ASN A 204 -11.45 16.39 9.10
C ASN A 204 -11.52 14.98 8.54
N ASP A 205 -12.26 14.19 9.30
CA ASP A 205 -12.49 12.80 8.96
C ASP A 205 -13.04 12.61 7.58
N ALA A 206 -13.85 13.57 7.13
CA ALA A 206 -14.43 13.43 5.81
C ALA A 206 -13.53 13.87 4.69
N THR A 207 -12.33 14.29 5.01
CA THR A 207 -11.45 14.69 3.94
C THR A 207 -10.93 13.50 3.15
N THR A 208 -11.06 13.60 1.84
CA THR A 208 -10.53 12.59 0.95
C THR A 208 -9.21 13.14 0.48
N TRP A 209 -8.17 12.41 0.77
CA TRP A 209 -6.81 12.78 0.41
C TRP A 209 -6.61 13.21 -1.04
N GLU A 210 -7.16 12.40 -1.91
CA GLU A 210 -7.10 12.58 -3.34
C GLU A 210 -7.89 13.75 -3.82
N GLN A 211 -8.47 14.46 -2.87
CA GLN A 211 -9.22 15.60 -3.28
C GLN A 211 -8.41 16.87 -3.05
N GLU A 212 -8.95 17.74 -2.20
CA GLU A 212 -8.32 19.01 -1.85
C GLU A 212 -6.85 18.96 -1.53
N PRO A 213 -6.44 18.08 -0.60
CA PRO A 213 -5.04 17.96 -0.24
C PRO A 213 -4.16 17.78 -1.46
N LEU A 214 -4.38 16.66 -2.16
CA LEU A 214 -3.56 16.42 -3.34
C LEU A 214 -3.66 17.51 -4.43
N MET A 215 -4.86 17.92 -4.77
CA MET A 215 -4.96 18.93 -5.78
C MET A 215 -4.25 20.21 -5.41
N THR A 216 -4.33 20.55 -4.15
CA THR A 216 -3.70 21.75 -3.68
C THR A 216 -2.20 21.70 -3.84
N LEU A 217 -1.65 20.59 -3.39
CA LEU A 217 -0.23 20.35 -3.44
C LEU A 217 0.30 20.43 -4.85
N ALA A 218 -0.43 19.81 -5.74
CA ALA A 218 0.02 19.85 -7.11
C ALA A 218 0.01 21.29 -7.51
N GLN A 219 -1.14 21.86 -7.21
CA GLN A 219 -1.48 23.23 -7.49
C GLN A 219 -0.42 24.21 -6.96
N GLN A 220 0.00 23.97 -5.71
CA GLN A 220 0.99 24.79 -5.04
C GLN A 220 2.39 24.50 -5.56
N GLY A 221 2.51 23.52 -6.44
CA GLY A 221 3.81 23.16 -6.93
C GLY A 221 4.56 22.36 -5.86
N GLU A 222 3.79 21.78 -4.91
CA GLU A 222 4.40 21.03 -3.82
C GLU A 222 4.30 19.52 -4.00
N LEU A 223 3.95 19.13 -5.22
CA LEU A 223 3.83 17.72 -5.49
C LEU A 223 4.65 17.20 -6.68
N MET A 224 5.58 16.31 -6.35
CA MET A 224 6.46 15.66 -7.29
C MET A 224 6.03 14.24 -7.61
N ALA A 225 6.46 13.76 -8.77
CA ALA A 225 6.16 12.41 -9.23
C ALA A 225 7.39 11.56 -9.48
N PHE A 226 7.47 10.43 -8.81
CA PHE A 226 8.57 9.51 -9.00
C PHE A 226 7.99 8.50 -9.97
N GLU A 227 8.46 8.51 -11.19
CA GLU A 227 7.88 7.61 -12.15
C GLU A 227 8.43 6.22 -12.09
N HIS A 228 7.50 5.27 -12.01
CA HIS A 228 7.83 3.85 -11.94
C HIS A 228 7.23 3.16 -13.14
N PRO A 229 8.02 3.07 -14.25
CA PRO A 229 7.55 2.45 -15.48
C PRO A 229 7.39 0.94 -15.38
N GLY A 230 7.95 0.35 -14.30
CA GLY A 230 7.90 -1.10 -14.05
C GLY A 230 6.60 -1.68 -13.44
N PHE A 231 6.76 -2.82 -12.75
CA PHE A 231 5.68 -3.56 -12.10
C PHE A 231 4.96 -2.85 -10.93
N TRP A 232 3.63 -2.77 -11.04
CA TRP A 232 2.69 -2.18 -10.12
C TRP A 232 1.31 -2.70 -10.44
N GLN A 233 0.73 -3.33 -9.43
CA GLN A 233 -0.58 -3.90 -9.57
C GLN A 233 -1.47 -3.68 -8.34
N PRO A 234 -2.66 -3.12 -8.57
CA PRO A 234 -3.61 -2.87 -7.50
C PRO A 234 -4.53 -4.07 -7.50
N MET A 235 -5.15 -4.39 -6.36
CA MET A 235 -6.05 -5.55 -6.31
C MET A 235 -7.44 -5.05 -6.13
N ASP A 236 -8.09 -4.77 -7.24
CA ASP A 236 -9.42 -4.19 -7.21
C ASP A 236 -10.49 -5.16 -7.63
N THR A 237 -10.12 -5.90 -8.64
CA THR A 237 -10.99 -6.87 -9.23
C THR A 237 -10.49 -8.28 -8.92
N LEU A 238 -11.35 -9.24 -9.23
CA LEU A 238 -11.10 -10.63 -9.00
C LEU A 238 -10.10 -11.08 -10.03
N ARG A 239 -10.22 -10.45 -11.17
CA ARG A 239 -9.29 -10.74 -12.25
C ARG A 239 -7.90 -10.37 -11.71
N ASP A 240 -7.85 -9.21 -11.03
CA ASP A 240 -6.64 -8.71 -10.39
C ASP A 240 -6.15 -9.80 -9.43
N LYS A 241 -7.05 -10.17 -8.55
CA LYS A 241 -6.74 -11.20 -7.58
C LYS A 241 -6.12 -12.41 -8.21
N VAL A 242 -6.82 -12.95 -9.19
CA VAL A 242 -6.40 -14.17 -9.89
C VAL A 242 -5.04 -14.01 -10.53
N TYR A 243 -4.88 -12.85 -11.17
CA TYR A 243 -3.64 -12.50 -11.85
C TYR A 243 -2.47 -12.52 -10.89
N LEU A 244 -2.70 -11.84 -9.77
CA LEU A 244 -1.72 -11.72 -8.71
C LEU A 244 -1.39 -13.06 -8.09
N GLU A 245 -2.42 -13.84 -7.81
CA GLU A 245 -2.24 -15.16 -7.25
C GLU A 245 -1.49 -16.06 -8.20
N GLY A 246 -1.79 -15.95 -9.49
CA GLY A 246 -1.08 -16.77 -10.45
C GLY A 246 0.43 -16.50 -10.38
N LEU A 247 0.75 -15.21 -10.49
CA LEU A 247 2.11 -14.72 -10.46
C LEU A 247 2.88 -15.25 -9.28
N TRP A 248 2.19 -15.18 -8.14
CA TRP A 248 2.73 -15.63 -6.87
C TRP A 248 2.91 -17.12 -6.95
N GLU A 249 1.86 -17.83 -7.38
CA GLU A 249 1.96 -19.28 -7.47
C GLU A 249 3.08 -19.73 -8.38
N LYS A 250 3.14 -19.14 -9.58
CA LYS A 250 4.16 -19.43 -10.59
C LYS A 250 5.57 -19.07 -10.18
N GLY A 251 5.73 -18.35 -9.06
CA GLY A 251 7.07 -17.97 -8.62
C GLY A 251 7.61 -16.84 -9.47
N LYS A 252 6.67 -16.07 -10.01
CA LYS A 252 7.02 -14.97 -10.86
C LYS A 252 6.41 -13.65 -10.42
N ALA A 253 6.40 -13.39 -9.11
CA ALA A 253 5.89 -12.14 -8.52
C ALA A 253 6.99 -11.05 -8.49
N PRO A 254 6.89 -10.02 -9.37
CA PRO A 254 7.91 -8.98 -9.43
C PRO A 254 8.11 -8.19 -8.12
N TRP A 255 7.04 -8.08 -7.32
CA TRP A 255 7.10 -7.41 -6.04
C TRP A 255 7.75 -8.32 -4.98
N LYS A 256 7.83 -9.62 -5.19
CA LYS A 256 8.46 -10.44 -4.18
C LYS A 256 9.95 -10.44 -4.31
N THR A 257 10.60 -9.50 -3.65
CA THR A 257 12.04 -9.37 -3.77
C THR A 257 12.77 -9.85 -2.54
N TRP A 258 12.03 -10.40 -1.63
CA TRP A 258 12.68 -10.83 -0.45
C TRP A 258 13.07 -12.30 -0.56
N GLU A 259 13.85 -12.74 0.43
CA GLU A 259 14.33 -14.11 0.54
C GLU A 259 13.22 -15.14 0.81
#